data_2B3T
#
_entry.id   2B3T
#
_cell.length_a   113.540
_cell.length_b   77.470
_cell.length_c   89.490
_cell.angle_alpha   90.00
_cell.angle_beta   90.00
_cell.angle_gamma   90.00
#
_symmetry.space_group_name_H-M   'P 21 21 2'
#
loop_
_entity.id
_entity.type
_entity.pdbx_description
1 polymer 'Protein methyltransferase hemK'
2 polymer 'Peptide chain release factor 1'
3 non-polymer S-ADENOSYL-L-HOMOCYSTEINE
#
loop_
_entity_poly.entity_id
_entity_poly.type
_entity_poly.pdbx_seq_one_letter_code
_entity_poly.pdbx_strand_id
1 'polypeptide(L)'
;MEYQHWLREAISQLQASESPRRDAEILLEHVTGRGRTFILAFGETQLTDEQCQQLDALLTRRRDGEPIAHLTGVREFWSL
PLFVSPATLIPRPDTECLVEQALARLPEQPCRILDLGTGTGAIALALASERPDCEIIAVDRMPDAVSLAQRNAQHLAIKN
IHILQSDWFSALAGQQFAMIVSNPPYIDEQDPHLQQGDVRFEPLTALVAADSGMADIVHIIEQSRNALVSGGFLLLEHGW
QQGEAVRQAFILAGYHDVETCRDYGDNERVTLGRYY
;
A
2 'polypeptide(L)'
;MKPSIVAKLEALHERHEEVQALLGDAQTIADQERFRALSREYAQLSDVSRCFTDWQQVQEDIETAQMMLDDPEMREMAQD
ELREAKEKSEQLEQQLQVLLLPKDPDDERNAFLEVRAGTGGDEAALFAGDLFRMYSRYAEARRWRVEIMSASEGEHGGYK
EIIAKISGDGVYGRLKFESGGHRVQRVPATESQGRIHTSACTVAVMPELPDAELPDVNPADLRIDTFRSSGAGGQHVNTT
DSAIRITHLPTGIVVECQDERSQHKNKAKALSVLGARIHAAEMAKRQQAEASTRRNLLGSGDRSDRNRTYNFPQGRVTDH
RINLTLYRLDEVMEGKLDMLIEPIIQEHQADQLAALSEQE
;
B
#
# COMPACT_ATOMS: atom_id res chain seq x y z
N MET A 1 -11.65 -26.72 -10.77
CA MET A 1 -10.99 -25.79 -11.74
C MET A 1 -9.76 -25.11 -11.12
N GLU A 2 -8.97 -24.44 -11.95
CA GLU A 2 -7.78 -23.78 -11.46
C GLU A 2 -7.95 -22.28 -11.24
N TYR A 3 -7.41 -21.80 -10.12
CA TYR A 3 -7.46 -20.38 -9.81
C TYR A 3 -7.07 -19.63 -11.06
N GLN A 4 -6.01 -20.11 -11.70
CA GLN A 4 -5.54 -19.46 -12.91
C GLN A 4 -6.60 -19.55 -14.00
N HIS A 5 -7.30 -20.68 -14.03
CA HIS A 5 -8.32 -20.85 -15.05
C HIS A 5 -9.43 -19.85 -14.77
N TRP A 6 -10.15 -20.03 -13.66
CA TRP A 6 -11.25 -19.14 -13.28
C TRP A 6 -10.92 -17.68 -13.58
N LEU A 7 -9.82 -17.19 -13.04
CA LEU A 7 -9.38 -15.82 -13.27
C LEU A 7 -9.40 -15.50 -14.76
N ARG A 8 -8.93 -16.44 -15.57
CA ARG A 8 -8.88 -16.26 -17.03
C ARG A 8 -10.29 -16.15 -17.58
N GLU A 9 -11.15 -17.08 -17.14
CA GLU A 9 -12.54 -17.11 -17.56
C GLU A 9 -13.25 -15.80 -17.20
N ALA A 10 -13.47 -15.60 -15.91
CA ALA A 10 -14.13 -14.40 -15.41
C ALA A 10 -13.68 -13.11 -16.12
N ILE A 11 -12.39 -12.80 -16.07
CA ILE A 11 -11.87 -11.60 -16.72
C ILE A 11 -12.47 -11.43 -18.11
N SER A 12 -12.69 -12.54 -18.80
CA SER A 12 -13.27 -12.48 -20.13
C SER A 12 -14.63 -11.80 -20.04
N GLN A 13 -15.60 -12.58 -19.60
CA GLN A 13 -16.98 -12.13 -19.43
C GLN A 13 -17.11 -11.00 -18.42
N LEU A 14 -16.08 -10.17 -18.30
CA LEU A 14 -16.11 -9.07 -17.32
C LEU A 14 -15.48 -7.83 -17.91
N GLN A 15 -15.38 -7.82 -19.24
CA GLN A 15 -14.79 -6.72 -19.99
C GLN A 15 -15.39 -5.34 -19.80
N ALA A 16 -16.69 -5.29 -19.49
CA ALA A 16 -17.39 -4.02 -19.29
C ALA A 16 -16.93 -3.25 -18.05
N SER A 17 -16.06 -3.87 -17.25
CA SER A 17 -15.52 -3.28 -16.03
C SER A 17 -14.32 -2.38 -16.32
N GLU A 18 -14.01 -1.52 -15.37
CA GLU A 18 -12.86 -0.62 -15.51
C GLU A 18 -11.62 -1.29 -14.93
N SER A 19 -11.84 -2.43 -14.27
CA SER A 19 -10.76 -3.19 -13.63
C SER A 19 -11.06 -4.69 -13.52
N PRO A 20 -11.20 -5.40 -14.66
CA PRO A 20 -11.48 -6.83 -14.73
C PRO A 20 -10.57 -7.76 -13.92
N ARG A 21 -9.26 -7.69 -14.15
CA ARG A 21 -8.33 -8.54 -13.41
C ARG A 21 -8.59 -8.34 -11.91
N ARG A 22 -8.45 -7.10 -11.47
CA ARG A 22 -8.68 -6.75 -10.07
C ARG A 22 -10.01 -7.30 -9.58
N ASP A 23 -11.10 -6.87 -10.21
CA ASP A 23 -12.41 -7.37 -9.82
C ASP A 23 -12.22 -8.86 -9.63
N ALA A 24 -11.70 -9.49 -10.67
CA ALA A 24 -11.47 -10.92 -10.63
C ALA A 24 -10.74 -11.30 -9.36
N GLU A 25 -9.45 -10.99 -9.33
CA GLU A 25 -8.62 -11.34 -8.19
C GLU A 25 -9.29 -11.10 -6.85
N ILE A 26 -9.93 -9.96 -6.66
CA ILE A 26 -10.57 -9.72 -5.38
C ILE A 26 -11.58 -10.83 -5.07
N LEU A 27 -12.54 -11.03 -5.97
CA LEU A 27 -13.55 -12.08 -5.81
C LEU A 27 -12.94 -13.41 -5.43
N LEU A 28 -12.04 -13.90 -6.28
CA LEU A 28 -11.40 -15.18 -6.00
C LEU A 28 -10.77 -15.23 -4.62
N GLU A 29 -10.15 -14.12 -4.19
CA GLU A 29 -9.52 -14.04 -2.87
C GLU A 29 -10.59 -14.23 -1.80
N HIS A 30 -11.63 -13.39 -1.92
CA HIS A 30 -12.76 -13.39 -1.01
C HIS A 30 -13.30 -14.79 -0.76
N VAL A 31 -13.60 -15.53 -1.83
CA VAL A 31 -14.14 -16.86 -1.67
C VAL A 31 -13.14 -17.84 -1.05
N THR A 32 -11.99 -18.01 -1.71
CA THR A 32 -10.96 -18.94 -1.26
C THR A 32 -10.21 -18.51 -0.01
N GLY A 33 -10.13 -17.21 0.22
CA GLY A 33 -9.41 -16.74 1.39
C GLY A 33 -7.91 -16.92 1.21
N ARG A 34 -7.41 -16.59 0.02
CA ARG A 34 -6.00 -16.67 -0.22
C ARG A 34 -5.73 -15.29 -0.81
N GLY A 35 -4.62 -14.66 -0.43
CA GLY A 35 -4.29 -13.32 -0.92
C GLY A 35 -3.99 -13.23 -2.41
N ARG A 36 -3.77 -12.01 -2.90
CA ARG A 36 -3.47 -11.80 -4.32
C ARG A 36 -2.26 -12.63 -4.70
N THR A 37 -1.15 -12.35 -4.04
CA THR A 37 0.10 -13.02 -4.26
C THR A 37 0.01 -14.54 -4.38
N PHE A 38 -0.77 -15.15 -3.49
CA PHE A 38 -0.94 -16.61 -3.49
C PHE A 38 -1.54 -17.03 -4.81
N ILE A 39 -2.68 -16.42 -5.11
CA ILE A 39 -3.39 -16.71 -6.35
C ILE A 39 -2.41 -16.60 -7.50
N LEU A 40 -1.59 -15.54 -7.50
CA LEU A 40 -0.62 -15.35 -8.56
C LEU A 40 0.48 -16.41 -8.56
N ALA A 41 1.11 -16.63 -7.41
CA ALA A 41 2.18 -17.63 -7.33
C ALA A 41 1.68 -19.06 -7.49
N PHE A 42 0.43 -19.34 -7.17
CA PHE A 42 -0.05 -20.72 -7.28
C PHE A 42 -1.36 -20.94 -8.00
N GLY A 43 -1.38 -20.66 -9.29
CA GLY A 43 -2.60 -20.85 -10.03
C GLY A 43 -2.99 -22.29 -10.32
N GLU A 44 -2.20 -23.25 -9.86
CA GLU A 44 -2.48 -24.67 -10.10
C GLU A 44 -3.57 -25.19 -9.19
N THR A 45 -3.81 -24.46 -8.11
CA THR A 45 -4.80 -24.86 -7.13
C THR A 45 -6.21 -25.07 -7.70
N GLN A 46 -6.85 -26.15 -7.27
CA GLN A 46 -8.19 -26.42 -7.73
C GLN A 46 -9.16 -25.78 -6.76
N LEU A 47 -10.38 -25.56 -7.23
CA LEU A 47 -11.42 -24.96 -6.40
C LEU A 47 -12.35 -26.08 -5.94
N THR A 48 -12.73 -26.06 -4.67
CA THR A 48 -13.66 -27.07 -4.17
C THR A 48 -14.96 -26.68 -4.86
N ASP A 49 -15.90 -27.59 -4.99
CA ASP A 49 -17.14 -27.24 -5.66
C ASP A 49 -17.76 -25.93 -5.14
N GLU A 50 -18.13 -25.89 -3.86
CA GLU A 50 -18.72 -24.69 -3.27
C GLU A 50 -18.08 -23.46 -3.89
N GLN A 51 -16.81 -23.27 -3.56
CA GLN A 51 -16.05 -22.14 -4.05
C GLN A 51 -16.43 -21.80 -5.47
N CYS A 52 -16.43 -22.81 -6.34
CA CYS A 52 -16.75 -22.57 -7.72
C CYS A 52 -18.17 -22.04 -7.86
N GLN A 53 -19.09 -22.60 -7.09
CA GLN A 53 -20.47 -22.15 -7.17
C GLN A 53 -20.56 -20.75 -6.54
N GLN A 54 -19.98 -20.59 -5.36
CA GLN A 54 -19.98 -19.31 -4.66
C GLN A 54 -19.38 -18.24 -5.54
N LEU A 55 -18.23 -18.57 -6.13
CA LEU A 55 -17.55 -17.66 -7.02
C LEU A 55 -18.49 -17.30 -8.17
N ASP A 56 -19.27 -18.28 -8.59
CA ASP A 56 -20.19 -18.07 -9.69
C ASP A 56 -21.25 -17.00 -9.41
N ALA A 57 -22.03 -17.19 -8.34
CA ALA A 57 -23.05 -16.22 -7.99
C ALA A 57 -22.46 -14.80 -8.00
N LEU A 58 -21.47 -14.57 -7.15
CA LEU A 58 -20.84 -13.26 -7.04
C LEU A 58 -20.44 -12.70 -8.40
N LEU A 59 -19.97 -13.58 -9.28
CA LEU A 59 -19.56 -13.15 -10.61
C LEU A 59 -20.75 -12.63 -11.43
N THR A 60 -21.88 -13.34 -11.40
CA THR A 60 -23.04 -12.89 -12.16
C THR A 60 -23.37 -11.46 -11.78
N ARG A 61 -23.57 -11.26 -10.49
CA ARG A 61 -23.88 -9.95 -9.94
C ARG A 61 -22.97 -8.94 -10.61
N ARG A 62 -21.68 -9.07 -10.34
CA ARG A 62 -20.67 -8.16 -10.88
C ARG A 62 -20.79 -7.94 -12.40
N ARG A 63 -21.47 -8.84 -13.09
CA ARG A 63 -21.64 -8.67 -14.53
C ARG A 63 -22.83 -7.74 -14.71
N ASP A 64 -23.78 -7.86 -13.80
CA ASP A 64 -24.96 -7.01 -13.82
C ASP A 64 -24.54 -5.64 -13.30
N GLY A 65 -23.26 -5.50 -12.97
CA GLY A 65 -22.71 -4.22 -12.49
C GLY A 65 -22.56 -3.98 -10.99
N GLU A 66 -23.15 -4.87 -10.19
CA GLU A 66 -23.10 -4.74 -8.74
C GLU A 66 -21.69 -4.48 -8.23
N PRO A 67 -21.48 -3.36 -7.53
CA PRO A 67 -20.19 -2.95 -6.96
C PRO A 67 -19.42 -4.10 -6.28
N ILE A 68 -18.11 -3.99 -6.28
CA ILE A 68 -17.28 -5.01 -5.65
C ILE A 68 -17.48 -4.96 -4.14
N ALA A 69 -17.33 -3.78 -3.56
CA ALA A 69 -17.51 -3.61 -2.12
C ALA A 69 -18.89 -4.06 -1.67
N HIS A 70 -19.82 -4.18 -2.61
CA HIS A 70 -21.18 -4.62 -2.32
C HIS A 70 -21.19 -6.14 -2.22
N LEU A 71 -20.36 -6.77 -3.06
CA LEU A 71 -20.25 -8.23 -3.11
C LEU A 71 -19.46 -8.81 -1.93
N THR A 72 -18.35 -8.18 -1.57
CA THR A 72 -17.53 -8.62 -0.45
C THR A 72 -17.99 -7.95 0.83
N GLY A 73 -18.85 -6.94 0.68
CA GLY A 73 -19.38 -6.25 1.83
C GLY A 73 -18.46 -5.43 2.72
N VAL A 74 -17.24 -5.17 2.27
CA VAL A 74 -16.31 -4.38 3.08
C VAL A 74 -15.64 -3.22 2.35
N ARG A 75 -15.16 -2.26 3.14
CA ARG A 75 -14.50 -1.10 2.57
C ARG A 75 -13.55 -0.45 3.58
N GLU A 76 -12.32 -0.19 3.16
CA GLU A 76 -11.37 0.45 4.04
C GLU A 76 -11.40 1.96 3.81
N PHE A 77 -11.32 2.70 4.90
CA PHE A 77 -11.36 4.15 4.88
C PHE A 77 -10.51 4.55 6.07
N TRP A 78 -9.48 5.35 5.82
CA TRP A 78 -8.58 5.78 6.89
C TRP A 78 -7.85 4.57 7.46
N SER A 79 -7.59 3.59 6.61
CA SER A 79 -6.91 2.37 6.98
C SER A 79 -7.75 1.60 8.00
N LEU A 80 -9.04 1.96 8.05
CA LEU A 80 -10.04 1.40 8.95
C LEU A 80 -11.06 0.59 8.11
N PRO A 81 -11.32 -0.68 8.48
CA PRO A 81 -12.26 -1.57 7.80
C PRO A 81 -13.74 -1.35 8.14
N LEU A 82 -14.50 -0.92 7.13
CA LEU A 82 -15.93 -0.63 7.30
C LEU A 82 -16.82 -1.59 6.51
N PHE A 83 -17.88 -2.07 7.13
CA PHE A 83 -18.79 -2.94 6.40
C PHE A 83 -19.67 -1.94 5.64
N VAL A 84 -20.03 -2.23 4.39
CA VAL A 84 -20.89 -1.33 3.63
C VAL A 84 -22.03 -2.15 3.07
N SER A 85 -23.10 -1.48 2.67
CA SER A 85 -24.25 -2.18 2.08
C SER A 85 -25.03 -1.16 1.28
N PRO A 86 -25.90 -1.62 0.40
CA PRO A 86 -26.66 -0.65 -0.39
C PRO A 86 -27.60 0.19 0.49
N ALA A 87 -27.38 0.16 1.80
CA ALA A 87 -28.19 0.96 2.73
C ALA A 87 -27.72 2.40 2.73
N THR A 88 -26.48 2.62 2.33
CA THR A 88 -25.93 3.94 2.29
C THR A 88 -24.85 3.98 1.22
N LEU A 89 -23.92 4.91 1.34
CA LEU A 89 -22.86 5.08 0.37
C LEU A 89 -21.60 4.26 0.70
N ILE A 90 -20.84 3.94 -0.33
CA ILE A 90 -19.58 3.21 -0.17
C ILE A 90 -18.52 4.29 0.03
N PRO A 91 -18.06 4.49 1.28
CA PRO A 91 -17.05 5.50 1.61
C PRO A 91 -15.97 5.68 0.54
N ARG A 92 -15.92 6.88 -0.03
CA ARG A 92 -14.97 7.23 -1.11
C ARG A 92 -13.61 7.75 -0.63
N PRO A 93 -12.59 7.65 -1.49
CA PRO A 93 -11.27 8.13 -1.11
C PRO A 93 -11.19 9.66 -0.93
N ASP A 94 -11.92 10.38 -1.77
CA ASP A 94 -11.91 11.83 -1.71
C ASP A 94 -12.51 12.33 -0.39
N THR A 95 -13.43 11.55 0.15
CA THR A 95 -14.06 11.90 1.42
C THR A 95 -13.01 11.86 2.54
N GLU A 96 -11.94 11.09 2.35
CA GLU A 96 -10.84 11.01 3.32
C GLU A 96 -10.23 12.39 3.45
N CYS A 97 -10.35 13.16 2.38
CA CYS A 97 -9.82 14.52 2.37
C CYS A 97 -10.60 15.39 3.34
N LEU A 98 -11.93 15.31 3.28
CA LEU A 98 -12.74 16.10 4.20
C LEU A 98 -12.09 15.90 5.55
N VAL A 99 -12.03 14.63 5.98
CA VAL A 99 -11.42 14.26 7.25
C VAL A 99 -10.05 14.88 7.49
N GLU A 100 -9.19 14.86 6.48
CA GLU A 100 -7.87 15.45 6.62
C GLU A 100 -8.00 16.92 7.01
N GLN A 101 -8.71 17.70 6.19
CA GLN A 101 -8.86 19.12 6.47
C GLN A 101 -9.51 19.40 7.82
N ALA A 102 -10.41 18.52 8.23
CA ALA A 102 -11.08 18.69 9.51
C ALA A 102 -10.18 18.35 10.68
N LEU A 103 -9.15 17.53 10.46
CA LEU A 103 -8.27 17.17 11.56
C LEU A 103 -7.38 18.32 11.99
N ALA A 104 -7.07 19.22 11.06
CA ALA A 104 -6.24 20.37 11.36
C ALA A 104 -7.01 21.37 12.25
N ARG A 105 -8.12 21.88 11.72
CA ARG A 105 -8.96 22.85 12.43
C ARG A 105 -9.29 22.47 13.87
N LEU A 106 -9.57 21.20 14.10
CA LEU A 106 -9.92 20.71 15.43
C LEU A 106 -9.08 21.36 16.53
N PRO A 107 -9.74 21.87 17.57
CA PRO A 107 -9.11 22.52 18.72
C PRO A 107 -8.20 21.58 19.49
N GLU A 108 -6.99 22.03 19.80
CA GLU A 108 -6.05 21.18 20.51
C GLU A 108 -6.60 20.68 21.85
N GLN A 109 -7.71 21.29 22.27
CA GLN A 109 -8.33 20.90 23.53
C GLN A 109 -9.54 20.00 23.27
N PRO A 110 -9.63 18.89 24.00
CA PRO A 110 -10.72 17.92 23.87
C PRO A 110 -12.06 18.61 23.70
N CYS A 111 -12.87 18.14 22.74
CA CYS A 111 -14.17 18.73 22.46
C CYS A 111 -15.14 17.76 21.77
N ARG A 112 -16.33 18.26 21.44
CA ARG A 112 -17.35 17.45 20.80
C ARG A 112 -17.60 17.78 19.32
N ILE A 113 -17.68 16.73 18.49
CA ILE A 113 -17.89 16.88 17.05
C ILE A 113 -19.20 16.24 16.59
N LEU A 114 -19.77 16.78 15.52
CA LEU A 114 -21.02 16.28 14.96
C LEU A 114 -20.78 15.85 13.52
N ASP A 115 -21.39 14.74 13.12
CA ASP A 115 -21.24 14.23 11.77
C ASP A 115 -22.66 14.03 11.19
N LEU A 116 -23.03 14.91 10.26
CA LEU A 116 -24.35 14.82 9.64
C LEU A 116 -24.29 13.80 8.51
N GLY A 117 -25.29 12.92 8.45
CA GLY A 117 -25.33 11.90 7.43
C GLY A 117 -24.08 11.04 7.45
N THR A 118 -23.74 10.53 8.64
CA THR A 118 -22.54 9.73 8.82
C THR A 118 -22.46 8.54 7.90
N GLY A 119 -23.60 7.92 7.61
CA GLY A 119 -23.62 6.77 6.71
C GLY A 119 -23.04 5.49 7.31
N THR A 120 -22.01 4.96 6.67
CA THR A 120 -21.36 3.77 7.18
C THR A 120 -20.74 4.13 8.54
N GLY A 121 -20.38 5.40 8.67
CA GLY A 121 -19.76 5.90 9.88
C GLY A 121 -18.35 6.34 9.54
N ALA A 122 -18.02 6.28 8.25
CA ALA A 122 -16.69 6.65 7.75
C ALA A 122 -16.02 7.80 8.49
N ILE A 123 -16.34 9.04 8.09
CA ILE A 123 -15.75 10.23 8.72
C ILE A 123 -15.73 10.18 10.26
N ALA A 124 -16.91 10.04 10.87
CA ALA A 124 -17.02 10.01 12.32
C ALA A 124 -16.00 9.06 12.95
N LEU A 125 -15.98 7.81 12.47
CA LEU A 125 -15.06 6.78 12.94
C LEU A 125 -13.59 7.17 12.87
N ALA A 126 -13.16 7.58 11.69
CA ALA A 126 -11.78 7.96 11.44
C ALA A 126 -11.36 9.02 12.43
N LEU A 127 -12.26 9.96 12.70
CA LEU A 127 -12.00 11.05 13.64
C LEU A 127 -11.90 10.60 15.09
N ALA A 128 -12.97 9.97 15.58
CA ALA A 128 -13.03 9.45 16.94
C ALA A 128 -11.82 8.54 17.15
N SER A 129 -11.21 8.15 16.05
CA SER A 129 -10.03 7.31 16.11
C SER A 129 -8.85 8.25 16.39
N GLU A 130 -8.63 9.20 15.50
CA GLU A 130 -7.53 10.13 15.66
C GLU A 130 -7.61 10.92 16.96
N ARG A 131 -8.80 11.39 17.32
CA ARG A 131 -9.00 12.17 18.55
C ARG A 131 -9.80 11.45 19.63
N PRO A 132 -9.19 10.45 20.27
CA PRO A 132 -9.80 9.64 21.35
C PRO A 132 -10.19 10.46 22.58
N ASP A 133 -9.87 11.75 22.52
CA ASP A 133 -10.12 12.71 23.58
C ASP A 133 -11.34 13.53 23.21
N CYS A 134 -11.97 13.20 22.10
CA CYS A 134 -13.13 13.96 21.67
C CYS A 134 -14.34 13.10 21.47
N GLU A 135 -15.49 13.64 21.84
CA GLU A 135 -16.74 12.93 21.70
C GLU A 135 -17.41 13.33 20.41
N ILE A 136 -17.48 12.39 19.47
CA ILE A 136 -18.10 12.63 18.18
C ILE A 136 -19.53 12.13 18.22
N ILE A 137 -20.39 12.71 17.39
CA ILE A 137 -21.76 12.26 17.34
C ILE A 137 -22.28 12.23 15.91
N ALA A 138 -22.48 11.01 15.42
CA ALA A 138 -22.96 10.75 14.08
C ALA A 138 -24.45 10.45 14.04
N VAL A 139 -25.16 11.17 13.19
CA VAL A 139 -26.59 10.94 13.06
C VAL A 139 -26.90 10.59 11.62
N ASP A 140 -28.02 9.93 11.39
CA ASP A 140 -28.39 9.60 10.04
C ASP A 140 -29.89 9.50 9.96
N ARG A 141 -30.43 9.77 8.78
CA ARG A 141 -31.85 9.76 8.53
C ARG A 141 -32.38 8.34 8.33
N MET A 142 -31.73 7.56 7.47
CA MET A 142 -32.18 6.20 7.25
C MET A 142 -31.78 5.40 8.49
N PRO A 143 -32.74 4.64 9.05
CA PRO A 143 -32.56 3.82 10.26
C PRO A 143 -31.56 2.68 10.09
N ASP A 144 -31.41 2.22 8.84
CA ASP A 144 -30.48 1.15 8.50
C ASP A 144 -29.06 1.64 8.49
N ALA A 145 -28.89 2.90 8.11
CA ALA A 145 -27.57 3.52 8.07
C ALA A 145 -27.11 3.63 9.51
N VAL A 146 -28.04 3.99 10.38
CA VAL A 146 -27.69 4.10 11.77
C VAL A 146 -27.09 2.79 12.28
N SER A 147 -27.69 1.66 11.89
CA SER A 147 -27.20 0.34 12.30
C SER A 147 -25.84 -0.05 11.70
N LEU A 148 -25.67 0.13 10.39
CA LEU A 148 -24.38 -0.18 9.79
C LEU A 148 -23.32 0.60 10.57
N ALA A 149 -23.65 1.85 10.88
CA ALA A 149 -22.75 2.76 11.60
C ALA A 149 -22.41 2.21 12.96
N GLN A 150 -23.44 1.72 13.67
CA GLN A 150 -23.26 1.15 14.99
C GLN A 150 -22.49 -0.17 14.86
N ARG A 151 -22.82 -0.95 13.84
CA ARG A 151 -22.15 -2.23 13.59
C ARG A 151 -20.65 -2.06 13.39
N ASN A 152 -20.28 -1.03 12.64
CA ASN A 152 -18.87 -0.74 12.39
C ASN A 152 -18.25 -0.34 13.71
N ALA A 153 -18.89 0.63 14.37
CA ALA A 153 -18.41 1.12 15.66
C ALA A 153 -18.07 -0.04 16.59
N GLN A 154 -18.95 -1.04 16.64
CA GLN A 154 -18.73 -2.21 17.50
C GLN A 154 -17.53 -2.96 17.01
N HIS A 155 -17.63 -3.50 15.82
CA HIS A 155 -16.53 -4.25 15.26
C HIS A 155 -15.19 -3.56 15.45
N LEU A 156 -15.16 -2.24 15.28
CA LEU A 156 -13.94 -1.46 15.39
C LEU A 156 -13.46 -1.17 16.80
N ALA A 157 -14.36 -1.28 17.77
CA ALA A 157 -14.04 -1.04 19.17
C ALA A 157 -13.89 0.42 19.58
N ILE A 158 -14.27 1.35 18.70
CA ILE A 158 -14.18 2.77 19.00
C ILE A 158 -15.36 3.14 19.91
N LYS A 159 -15.08 3.64 21.11
CA LYS A 159 -16.18 3.97 22.01
C LYS A 159 -16.49 5.44 22.21
N ASN A 160 -15.60 6.32 21.76
CA ASN A 160 -15.82 7.77 21.92
C ASN A 160 -16.60 8.33 20.74
N ILE A 161 -17.59 7.57 20.29
CA ILE A 161 -18.46 7.95 19.18
C ILE A 161 -19.87 7.53 19.54
N HIS A 162 -20.87 8.26 19.05
CA HIS A 162 -22.26 7.97 19.39
C HIS A 162 -23.21 8.17 18.21
N ILE A 163 -23.89 7.10 17.79
CA ILE A 163 -24.80 7.17 16.64
C ILE A 163 -26.27 7.42 16.99
N LEU A 164 -26.91 8.33 16.24
CA LEU A 164 -28.32 8.69 16.43
C LEU A 164 -29.02 8.68 15.08
N GLN A 165 -30.33 8.84 15.08
CA GLN A 165 -31.10 8.87 13.84
C GLN A 165 -31.97 10.12 13.68
N SER A 166 -31.35 11.26 13.40
CA SER A 166 -32.13 12.49 13.23
C SER A 166 -32.21 12.89 11.77
N ASP A 167 -33.02 13.88 11.48
CA ASP A 167 -33.10 14.39 10.13
C ASP A 167 -32.35 15.69 10.27
N TRP A 168 -31.07 15.62 9.95
CA TRP A 168 -30.18 16.75 10.06
C TRP A 168 -29.95 17.18 11.51
N PHE A 169 -30.90 17.87 12.14
CA PHE A 169 -30.66 18.25 13.53
C PHE A 169 -31.76 17.88 14.51
N SER A 170 -32.94 17.50 14.01
CA SER A 170 -34.06 17.15 14.86
C SER A 170 -33.67 16.59 16.24
N ALA A 171 -32.97 15.46 16.26
CA ALA A 171 -32.59 14.87 17.52
C ALA A 171 -31.53 15.69 18.27
N LEU A 172 -30.74 16.48 17.56
CA LEU A 172 -29.70 17.28 18.23
C LEU A 172 -30.24 18.51 18.97
N ALA A 173 -31.56 18.71 18.90
CA ALA A 173 -32.25 19.84 19.55
C ALA A 173 -31.65 20.38 20.84
N GLY A 174 -30.64 21.24 20.71
CA GLY A 174 -30.05 21.83 21.88
C GLY A 174 -28.59 21.53 22.18
N GLN A 175 -27.80 21.18 21.18
CA GLN A 175 -26.39 20.91 21.45
C GLN A 175 -25.51 21.75 20.55
N GLN A 176 -24.27 21.98 20.97
CA GLN A 176 -23.34 22.77 20.18
C GLN A 176 -21.95 22.15 20.18
N PHE A 177 -21.46 21.86 18.97
CA PHE A 177 -20.17 21.22 18.83
C PHE A 177 -19.07 22.14 18.30
N ALA A 178 -17.83 21.81 18.67
CA ALA A 178 -16.65 22.54 18.26
C ALA A 178 -16.52 22.59 16.74
N MET A 179 -16.74 21.45 16.09
CA MET A 179 -16.66 21.34 14.64
C MET A 179 -17.82 20.48 14.11
N ILE A 180 -18.40 20.86 12.98
CA ILE A 180 -19.49 20.10 12.41
C ILE A 180 -19.11 19.71 10.99
N VAL A 181 -18.95 18.41 10.78
CA VAL A 181 -18.56 17.88 9.48
C VAL A 181 -19.72 17.17 8.79
N SER A 182 -19.75 17.22 7.46
CA SER A 182 -20.80 16.53 6.72
C SER A 182 -20.67 16.41 5.19
N ASN A 183 -20.77 15.17 4.71
CA ASN A 183 -20.72 14.85 3.29
C ASN A 183 -22.17 14.49 2.98
N PRO A 184 -23.01 15.48 2.64
CA PRO A 184 -24.40 15.14 2.35
C PRO A 184 -24.58 14.78 0.90
N PRO A 185 -25.81 14.43 0.53
CA PRO A 185 -26.02 14.09 -0.89
C PRO A 185 -25.82 15.39 -1.69
N TYR A 186 -25.08 15.32 -2.81
CA TYR A 186 -24.87 16.53 -3.60
C TYR A 186 -24.90 16.27 -5.09
N ILE A 187 -25.64 15.24 -5.48
CA ILE A 187 -25.76 14.90 -6.89
C ILE A 187 -27.09 15.43 -7.39
N ASP A 188 -27.13 15.88 -8.63
CA ASP A 188 -28.36 16.37 -9.21
C ASP A 188 -29.21 15.16 -9.47
N GLU A 189 -30.52 15.32 -9.36
CA GLU A 189 -31.45 14.22 -9.58
C GLU A 189 -31.25 13.61 -10.95
N GLN A 190 -30.55 14.33 -11.82
CA GLN A 190 -30.36 13.82 -13.16
C GLN A 190 -28.99 14.14 -13.73
N ASP A 191 -27.94 13.77 -13.00
CA ASP A 191 -26.58 13.99 -13.47
C ASP A 191 -26.29 12.75 -14.29
N PRO A 192 -25.61 12.89 -15.43
CA PRO A 192 -25.33 11.70 -16.26
C PRO A 192 -24.51 10.59 -15.57
N HIS A 193 -23.94 10.89 -14.40
CA HIS A 193 -23.19 9.87 -13.69
C HIS A 193 -24.16 8.86 -13.11
N LEU A 194 -25.21 9.35 -12.47
CA LEU A 194 -26.20 8.46 -11.90
C LEU A 194 -26.45 7.37 -12.92
N GLN A 195 -26.32 7.73 -14.19
CA GLN A 195 -26.55 6.81 -15.28
C GLN A 195 -25.64 5.59 -15.26
N GLN A 196 -24.34 5.87 -15.18
CA GLN A 196 -23.31 4.84 -15.23
C GLN A 196 -22.56 4.54 -13.93
N GLY A 197 -21.76 3.48 -13.97
CA GLY A 197 -20.94 3.10 -12.82
C GLY A 197 -21.56 2.22 -11.76
N ASP A 198 -20.80 1.96 -10.71
CA ASP A 198 -21.32 1.15 -9.62
C ASP A 198 -22.42 1.99 -9.01
N VAL A 199 -22.27 3.30 -9.12
CA VAL A 199 -23.23 4.23 -8.58
C VAL A 199 -24.66 3.97 -9.04
N ARG A 200 -24.88 2.92 -9.85
CA ARG A 200 -26.23 2.60 -10.28
C ARG A 200 -26.90 1.85 -9.15
N PHE A 201 -26.09 1.07 -8.42
CA PHE A 201 -26.58 0.28 -7.30
C PHE A 201 -26.55 0.98 -5.94
N GLU A 202 -26.23 2.26 -5.91
CA GLU A 202 -26.19 2.96 -4.65
C GLU A 202 -27.49 3.73 -4.48
N PRO A 203 -27.95 3.90 -3.22
CA PRO A 203 -29.18 4.61 -2.90
C PRO A 203 -29.22 6.08 -3.25
N LEU A 204 -30.41 6.55 -3.64
CA LEU A 204 -30.61 7.95 -3.99
C LEU A 204 -30.71 8.73 -2.68
N THR A 205 -31.14 8.03 -1.64
CA THR A 205 -31.31 8.59 -0.31
C THR A 205 -29.99 9.25 0.10
N ALA A 206 -28.91 8.72 -0.46
CA ALA A 206 -27.58 9.20 -0.15
C ALA A 206 -26.90 9.84 -1.36
N LEU A 207 -27.51 9.71 -2.53
CA LEU A 207 -26.89 10.27 -3.71
C LEU A 207 -27.48 11.60 -4.14
N VAL A 208 -28.81 11.67 -4.20
CA VAL A 208 -29.49 12.88 -4.66
C VAL A 208 -29.95 13.91 -3.67
N ALA A 209 -29.52 15.15 -3.95
CA ALA A 209 -29.90 16.31 -3.18
C ALA A 209 -30.82 17.01 -4.17
N ALA A 210 -31.65 17.94 -3.72
CA ALA A 210 -32.55 18.62 -4.63
C ALA A 210 -31.96 19.94 -5.13
N ASP A 211 -32.77 20.72 -5.83
CA ASP A 211 -32.34 22.00 -6.37
C ASP A 211 -31.12 21.77 -7.25
N SER A 212 -31.18 20.74 -8.09
CA SER A 212 -30.10 20.40 -8.99
C SER A 212 -28.89 19.95 -8.18
N GLY A 213 -29.15 19.06 -7.22
CA GLY A 213 -28.10 18.51 -6.36
C GLY A 213 -27.50 19.42 -5.30
N MET A 214 -28.13 20.56 -5.06
CA MET A 214 -27.61 21.52 -4.09
C MET A 214 -28.47 21.75 -2.86
N ALA A 215 -29.69 21.22 -2.86
CA ALA A 215 -30.63 21.40 -1.74
C ALA A 215 -30.15 21.17 -0.30
N ASP A 216 -29.51 20.02 -0.05
CA ASP A 216 -29.04 19.68 1.29
C ASP A 216 -27.84 20.48 1.79
N ILE A 217 -26.81 20.62 0.96
CA ILE A 217 -25.62 21.36 1.36
C ILE A 217 -25.99 22.69 2.00
N VAL A 218 -26.82 23.45 1.29
CA VAL A 218 -27.26 24.75 1.75
C VAL A 218 -28.10 24.70 3.03
N HIS A 219 -29.14 23.88 3.03
CA HIS A 219 -30.00 23.75 4.19
C HIS A 219 -29.19 23.46 5.46
N ILE A 220 -28.01 22.89 5.30
CA ILE A 220 -27.13 22.56 6.41
C ILE A 220 -26.32 23.76 6.85
N ILE A 221 -25.63 24.42 5.90
CA ILE A 221 -24.85 25.61 6.26
C ILE A 221 -25.77 26.60 6.95
N GLU A 222 -27.04 26.57 6.57
CA GLU A 222 -28.03 27.45 7.17
C GLU A 222 -28.27 27.02 8.62
N GLN A 223 -28.62 25.75 8.78
CA GLN A 223 -28.89 25.19 10.09
C GLN A 223 -27.69 25.20 11.01
N SER A 224 -26.59 24.65 10.51
CA SER A 224 -25.36 24.57 11.27
C SER A 224 -25.13 25.77 12.19
N ARG A 225 -25.47 26.97 11.72
CA ARG A 225 -25.27 28.18 12.51
C ARG A 225 -25.68 28.02 13.97
N ASN A 226 -26.96 27.78 14.19
CA ASN A 226 -27.48 27.65 15.53
C ASN A 226 -26.92 26.46 16.34
N ALA A 227 -25.77 25.92 15.93
CA ALA A 227 -25.22 24.76 16.64
C ALA A 227 -23.70 24.72 16.75
N LEU A 228 -23.04 25.76 16.27
CA LEU A 228 -21.58 25.84 16.33
C LEU A 228 -21.09 26.70 17.48
N VAL A 229 -20.10 26.20 18.22
CA VAL A 229 -19.54 26.93 19.33
C VAL A 229 -18.80 28.13 18.74
N SER A 230 -18.44 29.08 19.60
CA SER A 230 -17.71 30.29 19.20
C SER A 230 -16.60 30.07 18.16
N GLY A 231 -16.80 30.58 16.96
CA GLY A 231 -15.81 30.44 15.91
C GLY A 231 -15.51 29.01 15.51
N GLY A 232 -16.44 28.11 15.80
CA GLY A 232 -16.24 26.72 15.44
C GLY A 232 -16.38 26.63 13.93
N PHE A 233 -15.89 25.53 13.35
CA PHE A 233 -15.98 25.36 11.90
C PHE A 233 -17.11 24.45 11.46
N LEU A 234 -17.47 24.62 10.19
CA LEU A 234 -18.47 23.81 9.53
C LEU A 234 -17.84 23.49 8.18
N LEU A 235 -17.64 22.21 7.89
CA LEU A 235 -17.06 21.86 6.62
C LEU A 235 -17.85 20.76 5.91
N LEU A 236 -18.16 21.02 4.64
CA LEU A 236 -18.94 20.11 3.79
C LEU A 236 -18.24 19.64 2.54
N GLU A 237 -18.59 18.42 2.11
CA GLU A 237 -18.04 17.88 0.89
C GLU A 237 -19.12 18.18 -0.15
N HIS A 238 -18.72 18.39 -1.40
CA HIS A 238 -19.69 18.69 -2.45
C HIS A 238 -19.15 18.14 -3.76
N GLY A 239 -19.89 18.39 -4.85
CA GLY A 239 -19.49 17.92 -6.16
C GLY A 239 -18.27 18.68 -6.67
N TRP A 240 -17.58 18.13 -7.65
CA TRP A 240 -16.40 18.79 -8.20
C TRP A 240 -16.73 20.17 -8.77
N GLN A 241 -17.94 20.30 -9.33
CA GLN A 241 -18.35 21.56 -9.95
C GLN A 241 -19.01 22.57 -9.02
N GLN A 242 -19.44 22.14 -7.86
CA GLN A 242 -20.09 23.04 -6.94
C GLN A 242 -19.10 23.90 -6.18
N GLY A 243 -17.90 24.03 -6.74
CA GLY A 243 -16.86 24.82 -6.11
C GLY A 243 -17.33 26.21 -5.73
N GLU A 244 -17.30 27.14 -6.68
CA GLU A 244 -17.72 28.51 -6.42
C GLU A 244 -19.08 28.55 -5.73
N ALA A 245 -20.02 27.77 -6.25
CA ALA A 245 -21.36 27.72 -5.68
C ALA A 245 -21.30 27.67 -4.14
N VAL A 246 -21.04 26.49 -3.61
CA VAL A 246 -20.98 26.30 -2.17
C VAL A 246 -20.23 27.42 -1.47
N ARG A 247 -19.14 27.89 -2.08
CA ARG A 247 -18.38 28.97 -1.49
C ARG A 247 -19.31 30.12 -1.13
N GLN A 248 -20.16 30.52 -2.08
CA GLN A 248 -21.10 31.62 -1.88
C GLN A 248 -22.15 31.46 -0.77
N ALA A 249 -22.93 30.39 -0.82
CA ALA A 249 -23.93 30.17 0.21
C ALA A 249 -23.23 30.26 1.56
N PHE A 250 -21.95 29.89 1.58
CA PHE A 250 -21.14 29.95 2.78
C PHE A 250 -20.95 31.40 3.18
N ILE A 251 -20.64 32.26 2.21
CA ILE A 251 -20.44 33.68 2.47
C ILE A 251 -21.79 34.34 2.75
N LEU A 252 -22.74 34.11 1.84
CA LEU A 252 -24.07 34.67 1.96
C LEU A 252 -24.70 34.32 3.30
N ALA A 253 -24.63 33.05 3.69
CA ALA A 253 -25.22 32.61 4.95
C ALA A 253 -24.53 33.29 6.13
N GLY A 254 -23.34 33.83 5.89
CA GLY A 254 -22.62 34.51 6.95
C GLY A 254 -21.51 33.72 7.61
N TYR A 255 -20.57 33.21 6.80
CA TYR A 255 -19.47 32.44 7.35
C TYR A 255 -18.10 33.10 7.17
N HIS A 256 -17.39 33.23 8.28
CA HIS A 256 -16.05 33.81 8.34
C HIS A 256 -15.00 32.79 7.88
N ASP A 257 -13.92 33.29 7.29
CA ASP A 257 -12.80 32.46 6.85
C ASP A 257 -13.10 31.36 5.81
N VAL A 258 -14.11 31.55 4.96
CA VAL A 258 -14.44 30.57 3.92
C VAL A 258 -13.18 30.04 3.22
N GLU A 259 -13.29 28.87 2.58
CA GLU A 259 -12.15 28.27 1.86
C GLU A 259 -12.60 27.04 1.10
N THR A 260 -11.79 26.59 0.16
CA THR A 260 -12.15 25.40 -0.62
C THR A 260 -10.94 24.54 -0.92
N CYS A 261 -10.67 23.57 -0.05
CA CYS A 261 -9.53 22.69 -0.24
C CYS A 261 -9.81 21.71 -1.37
N ARG A 262 -8.75 21.17 -1.96
CA ARG A 262 -8.87 20.23 -3.09
C ARG A 262 -8.31 18.85 -2.76
N ASP A 263 -8.93 17.81 -3.31
CA ASP A 263 -8.49 16.44 -3.06
C ASP A 263 -7.37 16.06 -4.02
N TYR A 264 -6.91 14.81 -3.93
CA TYR A 264 -5.81 14.32 -4.77
C TYR A 264 -6.16 14.08 -6.24
N GLY A 265 -7.44 14.13 -6.57
CA GLY A 265 -7.85 13.96 -7.95
C GLY A 265 -7.82 15.37 -8.50
N ASP A 266 -7.30 16.26 -7.66
CA ASP A 266 -7.19 17.68 -7.96
C ASP A 266 -8.51 18.24 -8.41
N ASN A 267 -9.52 17.99 -7.59
CA ASN A 267 -10.85 18.49 -7.83
C ASN A 267 -11.11 19.37 -6.64
N GLU A 268 -12.29 19.95 -6.57
CA GLU A 268 -12.64 20.77 -5.44
C GLU A 268 -13.61 19.90 -4.66
N ARG A 269 -13.21 19.48 -3.46
CA ARG A 269 -14.05 18.60 -2.68
C ARG A 269 -14.63 19.17 -1.39
N VAL A 270 -13.80 19.80 -0.56
CA VAL A 270 -14.25 20.35 0.71
C VAL A 270 -14.28 21.86 0.76
N THR A 271 -15.39 22.42 1.23
CA THR A 271 -15.49 23.85 1.41
C THR A 271 -15.63 24.00 2.91
N LEU A 272 -14.83 24.87 3.50
CA LEU A 272 -14.86 25.06 4.93
C LEU A 272 -14.96 26.50 5.36
N GLY A 273 -15.85 26.78 6.31
CA GLY A 273 -16.02 28.14 6.79
C GLY A 273 -15.83 28.19 8.30
N ARG A 274 -16.43 29.18 8.93
CA ARG A 274 -16.39 29.37 10.37
C ARG A 274 -17.62 30.15 10.73
N TYR A 275 -17.80 30.47 12.00
CA TYR A 275 -18.98 31.24 12.38
C TYR A 275 -18.84 31.94 13.72
N TYR A 276 -19.55 33.05 13.86
CA TYR A 276 -19.53 33.83 15.08
C TYR A 276 -20.93 34.40 15.35
N ALA B 7 51.40 -11.31 9.18
CA ALA B 7 52.16 -10.18 9.79
C ALA B 7 51.45 -8.85 9.57
N LYS B 8 50.32 -8.89 8.86
CA LYS B 8 49.53 -7.71 8.55
C LYS B 8 48.16 -7.75 9.22
N LEU B 9 47.44 -8.85 9.00
CA LEU B 9 46.11 -9.07 9.57
C LEU B 9 46.21 -9.45 11.04
N GLU B 10 47.28 -10.15 11.38
CA GLU B 10 47.51 -10.53 12.76
C GLU B 10 47.48 -9.24 13.55
N ALA B 11 47.82 -8.14 12.87
CA ALA B 11 47.83 -6.83 13.47
C ALA B 11 46.46 -6.64 14.12
N LEU B 12 45.43 -7.00 13.37
CA LEU B 12 44.06 -6.89 13.83
C LEU B 12 43.86 -7.61 15.17
N HIS B 13 44.02 -8.93 15.17
CA HIS B 13 43.87 -9.75 16.36
C HIS B 13 44.51 -9.14 17.60
N GLU B 14 45.82 -8.91 17.52
CA GLU B 14 46.57 -8.32 18.62
C GLU B 14 46.02 -6.96 19.02
N ARG B 15 44.83 -6.65 18.50
CA ARG B 15 44.13 -5.41 18.82
C ARG B 15 42.84 -5.87 19.46
N HIS B 16 42.14 -6.79 18.80
CA HIS B 16 40.90 -7.33 19.33
C HIS B 16 41.21 -8.07 20.61
N GLU B 17 41.92 -9.18 20.48
CA GLU B 17 42.29 -9.97 21.64
C GLU B 17 42.63 -9.00 22.75
N GLU B 18 43.13 -7.84 22.36
CA GLU B 18 43.48 -6.82 23.33
C GLU B 18 42.21 -6.09 23.80
N VAL B 19 41.36 -5.66 22.86
CA VAL B 19 40.13 -4.96 23.23
C VAL B 19 39.20 -5.85 24.03
N GLN B 20 39.16 -7.14 23.69
CA GLN B 20 38.30 -8.07 24.41
C GLN B 20 38.78 -8.15 25.84
N ALA B 21 40.07 -8.40 26.01
CA ALA B 21 40.63 -8.47 27.35
C ALA B 21 40.21 -7.20 28.07
N LEU B 22 40.44 -6.05 27.43
CA LEU B 22 40.10 -4.73 27.94
C LEU B 22 38.64 -4.64 28.37
N LEU B 23 37.75 -5.11 27.50
CA LEU B 23 36.31 -5.06 27.78
C LEU B 23 35.85 -6.05 28.83
N GLY B 24 36.39 -7.27 28.79
CA GLY B 24 36.00 -8.29 29.75
C GLY B 24 36.24 -7.87 31.18
N ASP B 25 36.88 -6.71 31.34
CA ASP B 25 37.21 -6.17 32.64
C ASP B 25 36.14 -5.22 33.15
N ALA B 26 35.95 -4.12 32.42
CA ALA B 26 34.94 -3.15 32.80
C ALA B 26 33.65 -3.88 33.17
N GLN B 27 33.47 -5.05 32.56
CA GLN B 27 32.28 -5.86 32.79
C GLN B 27 32.29 -6.56 34.15
N THR B 28 33.17 -6.13 35.06
CA THR B 28 33.25 -6.75 36.38
C THR B 28 33.42 -5.68 37.47
N ILE B 29 32.90 -4.49 37.18
CA ILE B 29 32.95 -3.36 38.11
C ILE B 29 31.51 -2.90 38.36
N ALA B 30 31.27 -2.25 39.48
CA ALA B 30 29.93 -1.75 39.79
C ALA B 30 29.42 -1.01 38.55
N ASP B 31 28.48 -1.61 37.81
CA ASP B 31 28.01 -0.97 36.59
C ASP B 31 26.55 -1.25 36.21
N GLN B 32 25.83 -0.17 35.86
CA GLN B 32 24.43 -0.23 35.45
C GLN B 32 24.26 0.55 34.14
N GLU B 33 23.03 0.94 33.83
CA GLU B 33 22.72 1.71 32.62
C GLU B 33 22.87 0.91 31.32
N ARG B 34 23.65 1.45 30.38
CA ARG B 34 23.86 0.81 29.07
C ARG B 34 24.99 -0.20 29.10
N PHE B 35 24.92 -1.07 30.09
CA PHE B 35 25.88 -2.14 30.25
C PHE B 35 25.54 -3.09 29.11
N ARG B 36 24.43 -2.78 28.43
CA ARG B 36 23.91 -3.53 27.29
C ARG B 36 24.82 -3.37 26.06
N ALA B 37 25.04 -2.12 25.67
CA ALA B 37 25.87 -1.83 24.51
C ALA B 37 27.26 -2.45 24.68
N LEU B 38 27.84 -2.22 25.85
CA LEU B 38 29.16 -2.72 26.17
C LEU B 38 29.18 -4.24 26.30
N SER B 39 28.21 -4.79 27.02
CA SER B 39 28.12 -6.23 27.21
C SER B 39 28.02 -6.92 25.87
N ARG B 40 27.14 -6.39 25.02
CA ARG B 40 26.93 -6.94 23.69
C ARG B 40 28.23 -6.97 22.86
N GLU B 41 29.05 -5.92 23.00
CA GLU B 41 30.31 -5.89 22.27
C GLU B 41 31.11 -7.11 22.67
N TYR B 42 31.08 -7.43 23.96
CA TYR B 42 31.79 -8.59 24.47
C TYR B 42 31.31 -9.82 23.73
N ALA B 43 30.00 -9.98 23.67
CA ALA B 43 29.39 -11.12 22.98
C ALA B 43 29.93 -11.22 21.56
N GLN B 44 30.47 -10.11 21.07
CA GLN B 44 31.03 -10.04 19.73
C GLN B 44 32.51 -10.41 19.77
N LEU B 45 33.30 -9.55 20.38
CA LEU B 45 34.74 -9.79 20.46
C LEU B 45 35.07 -11.17 21.01
N SER B 46 34.08 -11.90 21.48
CA SER B 46 34.33 -13.22 22.05
C SER B 46 34.61 -14.33 21.05
N ASP B 47 33.91 -14.35 19.93
CA ASP B 47 34.18 -15.39 18.96
C ASP B 47 35.50 -15.12 18.24
N VAL B 48 35.67 -13.87 17.79
CA VAL B 48 36.89 -13.44 17.07
C VAL B 48 38.12 -13.66 17.93
N SER B 49 37.97 -13.39 19.22
CA SER B 49 39.06 -13.54 20.17
C SER B 49 39.38 -14.99 20.46
N ARG B 50 38.35 -15.81 20.64
CA ARG B 50 38.56 -17.21 20.95
C ARG B 50 39.35 -17.92 19.88
N CYS B 51 39.41 -17.36 18.68
CA CYS B 51 40.16 -18.00 17.61
C CYS B 51 41.63 -17.59 17.64
N PHE B 52 41.90 -16.28 17.66
CA PHE B 52 43.26 -15.78 17.73
C PHE B 52 44.01 -16.52 18.85
N THR B 53 43.41 -16.57 20.03
CA THR B 53 44.01 -17.24 21.17
C THR B 53 44.23 -18.72 20.91
N ASP B 54 44.28 -19.10 19.65
CA ASP B 54 44.52 -20.51 19.28
C ASP B 54 45.55 -20.62 18.17
N TRP B 55 45.48 -19.71 17.21
CA TRP B 55 46.47 -19.71 16.14
C TRP B 55 47.77 -19.53 16.93
N GLN B 56 47.63 -19.07 18.17
CA GLN B 56 48.75 -18.84 19.08
C GLN B 56 49.07 -20.06 19.95
N GLN B 57 48.03 -20.76 20.39
CA GLN B 57 48.18 -21.95 21.23
C GLN B 57 48.49 -23.18 20.36
N VAL B 58 48.57 -22.94 19.06
CA VAL B 58 48.85 -24.00 18.10
C VAL B 58 50.16 -23.71 17.33
N GLN B 94 44.15 -27.01 8.42
CA GLN B 94 43.08 -26.01 8.28
C GLN B 94 43.04 -25.05 9.46
N GLN B 95 43.63 -23.88 9.28
CA GLN B 95 43.65 -22.87 10.33
C GLN B 95 42.59 -21.81 10.00
N LEU B 96 41.39 -22.30 9.72
CA LEU B 96 40.21 -21.52 9.34
C LEU B 96 40.40 -20.02 9.36
N GLN B 97 40.82 -19.49 8.21
CA GLN B 97 41.07 -18.07 8.06
C GLN B 97 39.87 -17.25 8.56
N VAL B 98 40.05 -16.63 9.72
CA VAL B 98 39.04 -15.80 10.37
C VAL B 98 38.35 -14.86 9.37
N LEU B 99 37.15 -15.25 8.98
CA LEU B 99 36.34 -14.48 8.05
C LEU B 99 35.46 -13.54 8.85
N LEU B 100 35.67 -13.57 10.16
CA LEU B 100 34.89 -12.77 11.10
C LEU B 100 35.37 -11.32 11.18
N LEU B 101 35.48 -10.64 10.04
CA LEU B 101 35.95 -9.25 10.06
C LEU B 101 35.18 -8.20 9.26
N PRO B 102 34.77 -8.52 8.01
CA PRO B 102 34.03 -7.51 7.24
C PRO B 102 32.51 -7.36 7.49
N LYS B 103 32.15 -6.79 8.64
CA LYS B 103 30.75 -6.59 9.04
C LYS B 103 29.77 -6.13 7.95
N ASP B 104 28.46 -6.26 8.22
CA ASP B 104 27.41 -5.87 7.26
C ASP B 104 26.28 -5.11 8.00
N PRO B 105 25.38 -4.42 7.27
CA PRO B 105 24.31 -3.70 7.96
C PRO B 105 22.87 -4.19 7.72
N ASP B 106 22.22 -3.56 6.73
CA ASP B 106 20.84 -3.85 6.33
C ASP B 106 20.53 -5.33 6.06
N ASP B 107 21.55 -6.15 5.88
CA ASP B 107 21.37 -7.56 5.58
C ASP B 107 20.11 -8.21 6.14
N GLU B 108 19.85 -8.08 7.44
CA GLU B 108 18.66 -8.70 8.04
C GLU B 108 17.33 -8.00 7.76
N ARG B 109 17.38 -6.70 7.47
CA ARG B 109 16.18 -5.92 7.19
C ARG B 109 15.32 -6.56 6.08
N ASN B 110 14.02 -6.26 6.11
CA ASN B 110 13.10 -6.80 5.10
C ASN B 110 13.39 -6.11 3.80
N ALA B 111 12.65 -6.42 2.74
CA ALA B 111 12.96 -5.77 1.48
C ALA B 111 11.87 -5.57 0.46
N PHE B 112 12.01 -4.49 -0.27
CA PHE B 112 11.09 -4.16 -1.35
C PHE B 112 11.78 -4.69 -2.58
N LEU B 113 11.02 -5.19 -3.53
CA LEU B 113 11.57 -5.73 -4.77
C LEU B 113 10.56 -5.45 -5.86
N GLU B 114 11.03 -4.88 -6.95
CA GLU B 114 10.16 -4.56 -8.08
C GLU B 114 10.76 -5.09 -9.38
N VAL B 115 9.89 -5.47 -10.31
CA VAL B 115 10.34 -5.98 -11.58
C VAL B 115 9.81 -5.03 -12.65
N ARG B 116 10.71 -4.52 -13.47
CA ARG B 116 10.37 -3.61 -14.55
C ARG B 116 10.59 -4.27 -15.91
N ALA B 117 9.74 -3.90 -16.87
CA ALA B 117 9.85 -4.47 -18.21
C ALA B 117 10.60 -3.49 -19.08
N GLY B 118 11.46 -4.02 -19.95
CA GLY B 118 12.22 -3.17 -20.85
C GLY B 118 12.28 -3.75 -22.25
N THR B 119 13.51 -3.99 -22.71
CA THR B 119 13.77 -4.58 -24.02
C THR B 119 12.83 -5.74 -24.39
N GLY B 120 12.44 -5.79 -25.66
CA GLY B 120 11.55 -6.84 -26.10
C GLY B 120 10.15 -6.27 -26.05
N GLY B 121 9.24 -6.82 -26.87
CA GLY B 121 7.88 -6.33 -26.89
C GLY B 121 7.07 -6.70 -25.66
N ASP B 122 5.80 -7.08 -25.84
CA ASP B 122 5.02 -7.47 -24.70
C ASP B 122 5.62 -8.77 -24.19
N GLU B 123 6.63 -9.24 -24.91
CA GLU B 123 7.34 -10.46 -24.54
C GLU B 123 7.99 -10.26 -23.17
N ALA B 124 8.70 -9.15 -23.03
CA ALA B 124 9.39 -8.83 -21.80
C ALA B 124 8.47 -8.75 -20.58
N ALA B 125 7.40 -7.98 -20.66
CA ALA B 125 6.48 -7.87 -19.53
C ALA B 125 6.03 -9.27 -19.13
N LEU B 126 5.89 -10.14 -20.11
CA LEU B 126 5.46 -11.50 -19.83
C LEU B 126 6.49 -12.20 -18.94
N PHE B 127 7.76 -11.87 -19.11
CA PHE B 127 8.82 -12.47 -18.29
C PHE B 127 8.89 -11.73 -16.97
N ALA B 128 8.32 -10.53 -16.93
CA ALA B 128 8.30 -9.80 -15.68
C ALA B 128 7.47 -10.73 -14.78
N GLY B 129 6.41 -11.30 -15.34
CA GLY B 129 5.58 -12.21 -14.58
C GLY B 129 6.43 -13.36 -14.06
N ASP B 130 7.00 -14.14 -14.98
CA ASP B 130 7.83 -15.31 -14.63
C ASP B 130 8.83 -15.03 -13.53
N LEU B 131 9.59 -13.95 -13.71
CA LEU B 131 10.58 -13.53 -12.75
C LEU B 131 9.94 -13.35 -11.38
N PHE B 132 8.88 -12.55 -11.34
CA PHE B 132 8.16 -12.27 -10.10
C PHE B 132 7.59 -13.53 -9.46
N ARG B 133 7.09 -14.46 -10.26
CA ARG B 133 6.59 -15.68 -9.68
C ARG B 133 7.78 -16.29 -8.97
N MET B 134 8.76 -16.69 -9.77
CA MET B 134 10.01 -17.28 -9.30
C MET B 134 10.44 -16.75 -7.92
N TYR B 135 10.39 -15.43 -7.72
CA TYR B 135 10.76 -14.86 -6.44
C TYR B 135 9.77 -15.27 -5.35
N SER B 136 8.49 -15.01 -5.59
CA SER B 136 7.43 -15.32 -4.64
C SER B 136 7.32 -16.80 -4.36
N ARG B 137 7.66 -17.61 -5.35
CA ARG B 137 7.62 -19.05 -5.21
C ARG B 137 8.78 -19.47 -4.32
N TYR B 138 9.75 -18.57 -4.23
CA TYR B 138 10.96 -18.77 -3.43
C TYR B 138 10.76 -18.22 -2.03
N ALA B 139 10.14 -17.04 -1.96
CA ALA B 139 9.88 -16.36 -0.70
C ALA B 139 8.91 -17.18 0.14
N GLU B 140 8.14 -18.04 -0.51
CA GLU B 140 7.18 -18.86 0.20
C GLU B 140 7.90 -20.09 0.74
N ALA B 141 8.67 -20.74 -0.12
CA ALA B 141 9.40 -21.93 0.27
C ALA B 141 10.08 -21.74 1.61
N ARG B 142 10.37 -20.50 1.96
CA ARG B 142 11.01 -20.23 3.25
C ARG B 142 10.21 -19.23 4.08
N ARG B 143 8.90 -19.38 4.00
CA ARG B 143 7.90 -18.61 4.75
C ARG B 143 8.08 -17.09 4.95
N TRP B 144 8.33 -16.35 3.86
CA TRP B 144 8.48 -14.91 3.95
C TRP B 144 7.16 -14.27 3.57
N ARG B 145 6.90 -13.06 4.06
CA ARG B 145 5.66 -12.37 3.75
C ARG B 145 5.81 -11.60 2.47
N VAL B 146 5.29 -12.13 1.37
CA VAL B 146 5.37 -11.41 0.11
C VAL B 146 4.05 -10.66 -0.12
N GLU B 147 4.16 -9.35 -0.30
CA GLU B 147 3.00 -8.50 -0.50
C GLU B 147 3.22 -7.43 -1.57
N ILE B 148 2.40 -7.50 -2.60
CA ILE B 148 2.44 -6.56 -3.72
C ILE B 148 2.04 -5.17 -3.20
N MET B 149 2.33 -4.13 -3.96
CA MET B 149 1.95 -2.77 -3.55
C MET B 149 1.72 -1.87 -4.75
N SER B 150 1.77 -2.47 -5.92
CA SER B 150 1.58 -1.78 -7.19
C SER B 150 1.84 -2.75 -8.35
N ALA B 151 0.93 -2.76 -9.31
CA ALA B 151 1.05 -3.65 -10.47
C ALA B 151 0.64 -2.94 -11.74
N SER B 152 1.33 -3.27 -12.84
CA SER B 152 1.07 -2.67 -14.14
C SER B 152 0.76 -3.77 -15.17
N GLU B 153 -0.53 -4.09 -15.31
CA GLU B 153 -1.01 -5.12 -16.23
C GLU B 153 -0.36 -5.01 -17.59
N GLY B 154 0.33 -6.06 -18.00
CA GLY B 154 0.97 -6.07 -19.31
C GLY B 154 -0.07 -5.69 -20.35
N GLU B 155 0.36 -4.91 -21.35
CA GLU B 155 -0.54 -4.47 -22.40
C GLU B 155 -1.16 -5.66 -23.09
N HIS B 156 -0.72 -6.85 -22.70
CA HIS B 156 -1.24 -8.10 -23.25
C HIS B 156 -1.00 -9.31 -22.37
N GLY B 157 -0.88 -9.08 -21.06
CA GLY B 157 -0.68 -10.16 -20.12
C GLY B 157 0.64 -10.23 -19.37
N GLY B 158 1.06 -9.13 -18.76
CA GLY B 158 2.31 -9.18 -18.03
C GLY B 158 2.36 -8.09 -16.99
N TYR B 159 3.55 -7.57 -16.75
CA TYR B 159 3.71 -6.50 -15.79
C TYR B 159 4.77 -5.51 -16.22
N LYS B 160 4.37 -4.25 -16.40
CA LYS B 160 5.32 -3.21 -16.76
C LYS B 160 6.12 -2.98 -15.49
N GLU B 161 5.40 -3.06 -14.37
CA GLU B 161 5.93 -2.88 -13.03
C GLU B 161 5.27 -3.97 -12.18
N ILE B 162 5.69 -4.06 -10.92
CA ILE B 162 5.17 -5.04 -9.98
C ILE B 162 6.16 -4.89 -8.86
N ILE B 163 5.67 -4.66 -7.65
CA ILE B 163 6.57 -4.46 -6.54
C ILE B 163 6.03 -5.04 -5.26
N ALA B 164 6.72 -6.05 -4.76
CA ALA B 164 6.30 -6.72 -3.56
C ALA B 164 7.07 -6.22 -2.35
N LYS B 165 6.55 -6.55 -1.17
CA LYS B 165 7.22 -6.20 0.07
C LYS B 165 7.45 -7.53 0.76
N ILE B 166 8.60 -8.12 0.49
CA ILE B 166 8.96 -9.39 1.09
C ILE B 166 9.37 -9.19 2.55
N SER B 167 9.08 -10.17 3.40
CA SER B 167 9.41 -10.06 4.82
C SER B 167 9.80 -11.37 5.49
N GLY B 168 10.81 -11.28 6.35
CA GLY B 168 11.32 -12.44 7.05
C GLY B 168 12.71 -11.99 7.47
N ASP B 169 13.42 -12.81 8.22
CA ASP B 169 14.77 -12.39 8.63
C ASP B 169 15.75 -12.57 7.48
N GLY B 170 16.85 -11.84 7.53
CA GLY B 170 17.85 -11.95 6.49
C GLY B 170 17.27 -11.95 5.09
N VAL B 171 16.54 -10.90 4.75
CA VAL B 171 15.96 -10.81 3.42
C VAL B 171 16.88 -10.04 2.49
N TYR B 172 16.97 -8.73 2.69
CA TYR B 172 17.81 -7.91 1.82
C TYR B 172 19.15 -8.55 1.55
N GLY B 173 19.89 -8.84 2.60
CA GLY B 173 21.20 -9.43 2.40
C GLY B 173 21.17 -10.74 1.65
N ARG B 174 19.99 -11.15 1.20
CA ARG B 174 19.86 -12.41 0.49
C ARG B 174 19.27 -12.33 -0.92
N LEU B 175 18.72 -11.18 -1.29
CA LEU B 175 18.17 -11.03 -2.63
C LEU B 175 18.79 -9.81 -3.32
N LYS B 176 19.57 -9.02 -2.58
CA LYS B 176 20.20 -7.84 -3.14
C LYS B 176 20.81 -8.18 -4.49
N PHE B 177 21.70 -9.14 -4.49
CA PHE B 177 22.35 -9.55 -5.73
C PHE B 177 21.38 -9.70 -6.89
N GLU B 178 20.12 -9.99 -6.58
CA GLU B 178 19.13 -10.14 -7.64
C GLU B 178 18.85 -8.82 -8.38
N SER B 179 19.47 -7.72 -7.92
CA SER B 179 19.24 -6.44 -8.56
C SER B 179 19.94 -6.40 -9.90
N GLY B 180 19.49 -5.52 -10.79
CA GLY B 180 20.12 -5.42 -12.09
C GLY B 180 19.24 -5.84 -13.26
N GLY B 181 19.85 -6.48 -14.25
CA GLY B 181 19.10 -6.89 -15.41
C GLY B 181 19.03 -8.38 -15.60
N HIS B 182 17.87 -8.82 -16.06
CA HIS B 182 17.59 -10.23 -16.33
C HIS B 182 17.11 -10.35 -17.77
N ARG B 183 17.78 -11.21 -18.53
CA ARG B 183 17.46 -11.41 -19.94
C ARG B 183 16.92 -12.80 -20.29
N VAL B 184 15.87 -12.84 -21.11
CA VAL B 184 15.27 -14.10 -21.55
C VAL B 184 15.47 -14.29 -23.05
N GLN B 185 15.61 -15.55 -23.44
CA GLN B 185 15.75 -15.94 -24.83
C GLN B 185 14.89 -17.17 -24.87
N ARG B 186 13.68 -16.98 -25.35
CA ARG B 186 12.73 -18.07 -25.42
C ARG B 186 12.08 -18.02 -26.78
N VAL B 187 11.23 -18.99 -27.06
CA VAL B 187 10.49 -19.04 -28.31
C VAL B 187 9.03 -18.81 -27.96
N PRO B 188 8.55 -17.56 -28.13
CA PRO B 188 7.18 -17.13 -27.85
C PRO B 188 6.05 -18.03 -28.36
N ALA B 189 4.97 -18.12 -27.58
CA ALA B 189 3.81 -18.90 -27.96
C ALA B 189 3.12 -18.17 -29.11
N THR B 190 3.46 -16.89 -29.26
CA THR B 190 2.91 -16.04 -30.31
C THR B 190 3.79 -16.18 -31.56
N GLU B 191 4.50 -17.29 -31.62
CA GLU B 191 5.41 -17.62 -32.71
C GLU B 191 5.38 -19.12 -32.95
N SER B 192 5.34 -19.54 -34.21
CA SER B 192 5.32 -20.96 -34.51
C SER B 192 6.54 -21.36 -35.34
N GLN B 193 7.06 -20.43 -36.13
CA GLN B 193 8.25 -20.68 -36.94
C GLN B 193 9.39 -21.10 -36.02
N GLY B 194 9.13 -20.99 -34.71
CA GLY B 194 10.07 -21.39 -33.68
C GLY B 194 11.36 -20.62 -33.42
N ARG B 195 11.47 -19.36 -33.82
CA ARG B 195 12.71 -18.64 -33.56
C ARG B 195 12.67 -17.94 -32.21
N ILE B 196 13.76 -18.08 -31.46
CA ILE B 196 13.91 -17.50 -30.12
C ILE B 196 13.73 -15.99 -30.15
N HIS B 197 13.28 -15.42 -29.03
CA HIS B 197 13.10 -13.98 -28.93
C HIS B 197 13.81 -13.46 -27.69
N THR B 198 14.74 -12.54 -27.87
CA THR B 198 15.46 -11.99 -26.74
C THR B 198 14.85 -10.71 -26.17
N SER B 199 14.31 -10.82 -24.96
CA SER B 199 13.70 -9.69 -24.27
C SER B 199 14.36 -9.61 -22.89
N ALA B 200 14.18 -8.48 -22.20
CA ALA B 200 14.79 -8.33 -20.88
C ALA B 200 13.99 -7.54 -19.84
N CYS B 201 14.29 -7.80 -18.57
CA CYS B 201 13.65 -7.14 -17.43
C CYS B 201 14.68 -6.57 -16.46
N THR B 202 14.25 -5.56 -15.71
CA THR B 202 15.09 -4.89 -14.71
C THR B 202 14.59 -5.26 -13.31
N VAL B 203 15.48 -5.25 -12.34
CA VAL B 203 15.13 -5.62 -10.96
C VAL B 203 15.82 -4.75 -9.92
N ALA B 204 15.01 -4.11 -9.08
CA ALA B 204 15.51 -3.26 -8.00
C ALA B 204 15.23 -4.00 -6.69
N VAL B 205 16.21 -4.04 -5.79
CA VAL B 205 16.03 -4.73 -4.52
C VAL B 205 16.43 -3.86 -3.33
N MET B 206 15.68 -2.78 -3.08
CA MET B 206 15.95 -1.87 -1.97
C MET B 206 15.80 -2.56 -0.60
N PRO B 207 16.05 -1.80 0.49
CA PRO B 207 15.95 -2.33 1.86
C PRO B 207 14.81 -1.71 2.67
N GLU B 208 14.27 -2.53 3.56
CA GLU B 208 13.16 -2.15 4.44
C GLU B 208 13.65 -1.32 5.62
N LEU B 209 13.39 -0.02 5.58
CA LEU B 209 13.78 0.85 6.67
C LEU B 209 12.64 0.93 7.67
N PRO B 210 12.92 0.76 8.97
CA PRO B 210 11.84 0.84 9.96
C PRO B 210 11.12 2.15 9.71
N ASP B 211 9.89 2.09 9.19
CA ASP B 211 9.14 3.31 8.91
C ASP B 211 9.14 4.18 10.17
N ALA B 212 9.56 3.56 11.27
CA ALA B 212 9.66 4.24 12.57
C ALA B 212 11.05 4.87 12.66
N GLU B 213 11.69 5.03 11.50
CA GLU B 213 13.02 5.63 11.38
C GLU B 213 12.95 6.72 10.30
N LEU B 214 12.03 6.56 9.35
CA LEU B 214 11.84 7.52 8.25
C LEU B 214 12.16 8.94 8.68
N PRO B 215 12.81 9.72 7.79
CA PRO B 215 13.18 11.12 8.03
C PRO B 215 12.11 12.18 7.79
N ASP B 216 10.84 11.81 7.96
CA ASP B 216 9.72 12.73 7.76
C ASP B 216 9.93 13.66 6.57
N VAL B 217 10.63 13.14 5.55
CA VAL B 217 10.92 13.88 4.34
C VAL B 217 9.65 14.22 3.58
N ASN B 218 8.76 15.00 4.19
CA ASN B 218 7.52 15.31 3.51
C ASN B 218 6.80 16.64 3.76
N PRO B 219 7.53 17.73 4.02
CA PRO B 219 6.80 18.98 4.25
C PRO B 219 5.86 19.28 3.06
N ALA B 220 6.33 20.07 2.11
CA ALA B 220 5.55 20.40 0.91
C ALA B 220 6.46 20.05 -0.26
N ASP B 221 7.61 19.49 0.10
CA ASP B 221 8.65 19.09 -0.84
C ASP B 221 8.28 17.85 -1.66
N LEU B 222 6.99 17.53 -1.71
CA LEU B 222 6.52 16.40 -2.49
C LEU B 222 5.13 16.61 -3.07
N ARG B 223 4.88 16.02 -4.23
CA ARG B 223 3.60 16.16 -4.93
C ARG B 223 2.81 14.85 -4.97
N ILE B 224 1.75 14.79 -4.17
CA ILE B 224 0.90 13.61 -4.12
C ILE B 224 -0.18 13.73 -5.18
N ASP B 225 -0.13 12.86 -6.19
CA ASP B 225 -1.08 12.87 -7.29
C ASP B 225 -2.01 11.67 -7.38
N THR B 226 -2.90 11.73 -8.37
CA THR B 226 -3.87 10.67 -8.61
C THR B 226 -3.62 10.01 -9.96
N PHE B 227 -3.95 8.72 -10.03
CA PHE B 227 -3.77 7.93 -11.25
C PHE B 227 -4.86 8.31 -12.25
N ARG B 228 -6.09 8.43 -11.76
CA ARG B 228 -7.24 8.79 -12.58
C ARG B 228 -6.83 9.82 -13.63
N SER B 229 -6.71 9.38 -14.88
CA SER B 229 -6.35 10.29 -15.97
C SER B 229 -7.28 11.51 -15.90
N SER B 230 -8.36 11.34 -15.14
CA SER B 230 -9.37 12.37 -14.91
C SER B 230 -10.53 11.71 -14.16
N GLY B 231 -11.55 12.50 -13.81
CA GLY B 231 -12.70 11.98 -13.09
C GLY B 231 -13.46 13.04 -12.32
N ALA B 232 -14.69 12.73 -11.94
CA ALA B 232 -15.52 13.67 -11.18
C ALA B 232 -15.25 13.43 -9.70
N GLY B 233 -14.91 12.18 -9.37
CA GLY B 233 -14.61 11.78 -8.00
C GLY B 233 -15.78 11.81 -7.04
N GLY B 234 -15.46 11.95 -5.75
CA GLY B 234 -16.48 11.99 -4.73
C GLY B 234 -17.60 11.03 -5.05
N GLN B 235 -18.84 11.47 -4.81
CA GLN B 235 -20.00 10.64 -5.03
C GLN B 235 -20.27 10.14 -6.46
N HIS B 236 -20.09 11.01 -7.44
CA HIS B 236 -20.36 10.65 -8.83
C HIS B 236 -19.85 9.28 -9.30
N VAL B 237 -18.65 8.89 -8.86
CA VAL B 237 -18.07 7.62 -9.27
C VAL B 237 -17.46 6.80 -8.13
N ASN B 238 -17.43 5.48 -8.33
CA ASN B 238 -16.85 4.57 -7.36
C ASN B 238 -16.19 3.43 -8.08
N THR B 239 -14.87 3.36 -7.94
CA THR B 239 -14.07 2.32 -8.56
C THR B 239 -13.76 1.27 -7.52
N THR B 240 -13.34 0.09 -7.96
CA THR B 240 -13.05 -1.00 -7.04
C THR B 240 -11.78 -0.84 -6.19
N ASP B 241 -10.84 -0.02 -6.63
CA ASP B 241 -9.64 0.23 -5.84
C ASP B 241 -9.02 1.61 -6.08
N SER B 242 -8.38 2.13 -5.04
CA SER B 242 -7.75 3.45 -5.04
C SER B 242 -6.26 3.44 -5.35
N ALA B 243 -5.83 4.36 -6.22
CA ALA B 243 -4.42 4.48 -6.61
C ALA B 243 -3.85 5.88 -6.34
N ILE B 244 -2.76 5.92 -5.58
CA ILE B 244 -2.09 7.16 -5.21
C ILE B 244 -0.74 7.23 -5.94
N ARG B 245 -0.08 8.38 -5.86
CA ARG B 245 1.23 8.55 -6.47
C ARG B 245 1.94 9.68 -5.74
N ILE B 246 3.24 9.50 -5.52
CA ILE B 246 4.00 10.52 -4.83
C ILE B 246 5.32 10.80 -5.52
N THR B 247 5.57 12.09 -5.78
CA THR B 247 6.81 12.51 -6.41
C THR B 247 7.60 13.39 -5.45
N HIS B 248 8.90 13.13 -5.38
CA HIS B 248 9.76 13.92 -4.52
C HIS B 248 10.21 15.11 -5.35
N LEU B 249 9.66 16.29 -5.05
CA LEU B 249 10.01 17.50 -5.79
C LEU B 249 11.53 17.65 -5.90
N PRO B 250 12.25 17.53 -4.77
CA PRO B 250 13.71 17.68 -4.84
C PRO B 250 14.39 16.65 -5.76
N THR B 251 14.94 15.60 -5.16
CA THR B 251 15.63 14.56 -5.91
C THR B 251 14.83 14.09 -7.12
N GLY B 252 13.52 14.34 -7.09
CA GLY B 252 12.68 13.94 -8.20
C GLY B 252 12.17 12.51 -8.18
N ILE B 253 12.46 11.78 -7.11
CA ILE B 253 12.02 10.37 -6.99
C ILE B 253 10.52 10.19 -7.21
N VAL B 254 10.14 9.06 -7.81
CA VAL B 254 8.74 8.80 -8.05
C VAL B 254 8.32 7.44 -7.50
N VAL B 255 7.22 7.44 -6.76
CA VAL B 255 6.68 6.23 -6.14
C VAL B 255 5.16 6.27 -6.30
N GLU B 256 4.53 5.10 -6.40
CA GLU B 256 3.08 5.04 -6.54
C GLU B 256 2.54 3.68 -6.10
N CYS B 257 1.26 3.63 -5.73
CA CYS B 257 0.67 2.38 -5.28
C CYS B 257 -0.81 2.28 -5.61
N GLN B 258 -1.36 1.07 -5.57
CA GLN B 258 -2.78 0.85 -5.84
C GLN B 258 -3.22 -0.55 -5.42
N ASP B 259 -4.29 -0.62 -4.64
CA ASP B 259 -4.85 -1.90 -4.18
C ASP B 259 -6.30 -1.64 -3.78
N GLU B 260 -7.01 -2.69 -3.40
CA GLU B 260 -8.42 -2.55 -3.03
C GLU B 260 -8.70 -1.80 -1.72
N ARG B 261 -7.66 -1.33 -1.07
CA ARG B 261 -7.83 -0.65 0.20
C ARG B 261 -7.92 0.86 0.23
N SER B 262 -8.05 1.37 1.45
CA SER B 262 -8.19 2.80 1.67
C SER B 262 -7.06 3.59 1.06
N GLN B 263 -7.38 4.80 0.60
CA GLN B 263 -6.40 5.71 0.02
C GLN B 263 -5.39 5.99 1.13
N HIS B 264 -5.93 6.35 2.29
CA HIS B 264 -5.13 6.63 3.46
C HIS B 264 -4.00 5.61 3.57
N LYS B 265 -4.35 4.34 3.36
CA LYS B 265 -3.38 3.27 3.43
C LYS B 265 -2.38 3.25 2.27
N ASN B 266 -2.85 3.30 1.02
CA ASN B 266 -1.94 3.31 -0.13
C ASN B 266 -0.92 4.43 -0.03
N LYS B 267 -1.40 5.61 0.33
CA LYS B 267 -0.55 6.78 0.47
C LYS B 267 0.56 6.48 1.46
N ALA B 268 0.16 6.25 2.71
CA ALA B 268 1.07 5.95 3.80
C ALA B 268 2.00 4.81 3.37
N LYS B 269 1.44 3.92 2.56
CA LYS B 269 2.16 2.76 2.00
C LYS B 269 3.19 3.28 1.02
N ALA B 270 2.77 4.32 0.28
CA ALA B 270 3.61 4.98 -0.71
C ALA B 270 4.73 5.77 -0.02
N LEU B 271 4.39 6.39 1.12
CA LEU B 271 5.38 7.15 1.88
C LEU B 271 6.52 6.27 2.30
N SER B 272 6.22 5.00 2.57
CA SER B 272 7.24 4.05 3.00
C SER B 272 8.14 3.58 1.87
N VAL B 273 7.62 3.63 0.65
CA VAL B 273 8.40 3.21 -0.49
C VAL B 273 9.23 4.37 -1.02
N LEU B 274 8.75 5.60 -0.81
CA LEU B 274 9.51 6.75 -1.27
C LEU B 274 10.77 6.70 -0.44
N GLY B 275 10.56 6.53 0.86
CA GLY B 275 11.65 6.46 1.80
C GLY B 275 12.68 5.42 1.42
N ALA B 276 12.22 4.20 1.16
CA ALA B 276 13.13 3.14 0.76
C ALA B 276 13.82 3.50 -0.56
N ARG B 277 13.13 4.30 -1.37
CA ARG B 277 13.65 4.74 -2.67
C ARG B 277 14.69 5.84 -2.46
N ILE B 278 14.50 6.64 -1.41
CA ILE B 278 15.44 7.71 -1.07
C ILE B 278 16.72 7.07 -0.55
N HIS B 279 16.59 6.30 0.52
CA HIS B 279 17.74 5.62 1.11
C HIS B 279 18.44 4.78 0.03
N ALA B 280 17.75 4.56 -1.08
CA ALA B 280 18.32 3.79 -2.18
C ALA B 280 19.16 4.70 -3.08
N ALA B 281 19.38 5.93 -2.64
CA ALA B 281 20.20 6.90 -3.37
C ALA B 281 21.53 7.02 -2.63
N GLU B 282 21.47 7.29 -1.34
CA GLU B 282 22.67 7.40 -0.52
C GLU B 282 23.24 6.01 -0.20
N MET B 283 23.19 5.14 -1.20
CA MET B 283 23.73 3.78 -1.09
C MET B 283 24.34 3.55 -2.47
N ALA B 284 23.67 4.08 -3.48
CA ALA B 284 24.12 3.99 -4.85
C ALA B 284 25.09 5.13 -5.04
N LYS B 285 25.24 5.92 -3.99
CA LYS B 285 26.15 7.06 -4.01
C LYS B 285 27.56 6.53 -3.79
N ARG B 286 27.68 5.59 -2.84
CA ARG B 286 28.96 4.98 -2.51
C ARG B 286 29.73 4.53 -3.75
N GLN B 287 30.85 5.19 -4.00
CA GLN B 287 31.72 4.89 -5.14
C GLN B 287 33.16 4.70 -4.68
N ARG B 294 35.09 -5.45 -8.50
CA ARG B 294 33.80 -6.13 -8.49
C ARG B 294 32.86 -5.67 -7.38
N ARG B 295 32.04 -4.66 -7.66
CA ARG B 295 31.09 -4.18 -6.66
C ARG B 295 29.71 -4.75 -7.00
N ASN B 296 29.59 -6.09 -6.92
CA ASN B 296 28.35 -6.79 -7.22
C ASN B 296 27.11 -6.02 -6.74
N SER B 304 20.13 -0.84 -15.94
CA SER B 304 20.30 -2.28 -16.13
C SER B 304 21.71 -2.70 -16.54
N ASP B 305 22.18 -3.80 -15.95
CA ASP B 305 23.50 -4.38 -16.20
C ASP B 305 23.40 -5.90 -16.24
N ARG B 306 23.04 -6.45 -17.40
CA ARG B 306 22.86 -7.89 -17.57
C ARG B 306 23.52 -8.65 -16.43
N ASN B 307 22.70 -9.20 -15.54
CA ASN B 307 23.25 -9.97 -14.45
C ASN B 307 23.18 -11.42 -14.85
N ARG B 308 21.99 -11.84 -15.26
CA ARG B 308 21.78 -13.21 -15.69
C ARG B 308 21.09 -13.25 -17.05
N THR B 309 21.08 -14.44 -17.62
CA THR B 309 20.42 -14.69 -18.88
C THR B 309 19.80 -16.07 -18.73
N TYR B 310 18.53 -16.15 -19.12
CA TYR B 310 17.76 -17.37 -19.03
C TYR B 310 17.36 -17.90 -20.40
N ASN B 311 18.12 -18.88 -20.86
CA ASN B 311 17.86 -19.52 -22.15
C ASN B 311 17.17 -20.86 -21.97
N PHE B 312 15.95 -20.94 -22.48
CA PHE B 312 15.10 -22.13 -22.39
C PHE B 312 15.36 -23.24 -23.41
N PRO B 313 15.67 -22.89 -24.66
CA PRO B 313 15.91 -23.95 -25.65
C PRO B 313 17.04 -24.81 -25.13
N GLN B 314 17.82 -24.22 -24.23
CA GLN B 314 18.96 -24.88 -23.61
C GLN B 314 18.63 -25.17 -22.15
N GLY B 315 17.69 -24.39 -21.61
CA GLY B 315 17.29 -24.58 -20.24
C GLY B 315 18.36 -24.14 -19.27
N ARG B 316 19.26 -23.27 -19.71
CA ARG B 316 20.31 -22.84 -18.79
C ARG B 316 20.11 -21.43 -18.29
N VAL B 317 20.76 -21.16 -17.16
CA VAL B 317 20.72 -19.86 -16.50
C VAL B 317 22.19 -19.55 -16.25
N THR B 318 22.56 -18.28 -16.37
CA THR B 318 23.96 -17.90 -16.21
C THR B 318 24.21 -16.58 -15.52
N ASP B 319 24.99 -16.59 -14.43
CA ASP B 319 25.28 -15.33 -13.78
C ASP B 319 26.57 -14.79 -14.37
N HIS B 320 26.42 -13.88 -15.31
CA HIS B 320 27.55 -13.27 -15.97
C HIS B 320 28.52 -12.80 -14.91
N ARG B 321 27.96 -12.14 -13.90
CA ARG B 321 28.72 -11.61 -12.77
C ARG B 321 29.71 -12.55 -12.08
N ILE B 322 29.51 -13.87 -12.16
CA ILE B 322 30.48 -14.76 -11.52
C ILE B 322 30.84 -15.97 -12.39
N ASN B 323 30.54 -15.85 -13.69
CA ASN B 323 30.84 -16.89 -14.66
C ASN B 323 30.29 -18.24 -14.27
N LEU B 324 29.06 -18.26 -13.80
CA LEU B 324 28.44 -19.51 -13.39
C LEU B 324 27.22 -19.81 -14.23
N THR B 325 27.23 -20.96 -14.89
CA THR B 325 26.09 -21.36 -15.69
C THR B 325 25.68 -22.74 -15.20
N LEU B 326 24.38 -22.88 -14.92
CA LEU B 326 23.82 -24.13 -14.44
C LEU B 326 22.74 -24.63 -15.38
N TYR B 327 22.74 -25.93 -15.63
CA TYR B 327 21.72 -26.51 -16.48
C TYR B 327 20.51 -26.83 -15.63
N ARG B 328 19.96 -25.80 -15.00
CA ARG B 328 18.80 -25.98 -14.14
C ARG B 328 17.85 -24.79 -14.20
N LEU B 329 17.35 -24.49 -15.40
CA LEU B 329 16.43 -23.36 -15.54
C LEU B 329 15.09 -23.72 -14.92
N ASP B 330 14.61 -24.93 -15.20
CA ASP B 330 13.36 -25.41 -14.63
C ASP B 330 13.41 -25.03 -13.17
N GLU B 331 14.33 -25.67 -12.46
CA GLU B 331 14.52 -25.44 -11.05
C GLU B 331 14.55 -23.96 -10.65
N VAL B 332 15.30 -23.14 -11.38
CA VAL B 332 15.36 -21.73 -11.00
C VAL B 332 14.07 -20.95 -11.21
N MET B 333 13.28 -21.35 -12.21
CA MET B 333 12.04 -20.66 -12.46
C MET B 333 10.92 -21.05 -11.48
N GLU B 334 11.05 -22.21 -10.85
CA GLU B 334 10.06 -22.66 -9.91
C GLU B 334 10.27 -22.14 -8.50
N GLY B 335 11.41 -21.51 -8.22
CA GLY B 335 11.62 -21.00 -6.88
C GLY B 335 12.94 -21.36 -6.24
N LYS B 336 13.78 -22.11 -6.93
CA LYS B 336 15.09 -22.53 -6.41
C LYS B 336 16.22 -21.51 -6.70
N LEU B 337 16.15 -20.34 -6.05
CA LEU B 337 17.15 -19.31 -6.24
C LEU B 337 18.35 -19.39 -5.32
N ASP B 338 18.60 -20.57 -4.76
CA ASP B 338 19.72 -20.72 -3.84
C ASP B 338 20.96 -21.30 -4.48
N MET B 339 20.76 -22.04 -5.56
CA MET B 339 21.88 -22.61 -6.29
C MET B 339 22.55 -21.46 -7.03
N LEU B 340 22.00 -20.26 -6.81
CA LEU B 340 22.52 -19.04 -7.41
C LEU B 340 22.89 -18.02 -6.35
N ILE B 341 21.98 -17.70 -5.44
CA ILE B 341 22.29 -16.73 -4.39
C ILE B 341 23.46 -17.20 -3.54
N GLU B 342 23.48 -18.48 -3.20
CA GLU B 342 24.57 -18.97 -2.38
C GLU B 342 25.93 -18.63 -2.98
N PRO B 343 26.20 -19.09 -4.21
CA PRO B 343 27.48 -18.80 -4.85
C PRO B 343 27.86 -17.33 -4.94
N ILE B 344 27.01 -16.52 -5.56
CA ILE B 344 27.31 -15.08 -5.69
C ILE B 344 27.52 -14.47 -4.31
N ILE B 345 27.24 -15.26 -3.28
CA ILE B 345 27.38 -14.82 -1.91
C ILE B 345 28.79 -15.15 -1.38
N GLN B 346 29.19 -16.42 -1.49
CA GLN B 346 30.53 -16.82 -1.04
C GLN B 346 31.50 -15.99 -1.87
N GLU B 347 31.14 -15.80 -3.14
CA GLU B 347 31.95 -15.05 -4.08
C GLU B 347 32.13 -13.63 -3.60
N HIS B 348 31.02 -12.92 -3.40
CA HIS B 348 31.07 -11.55 -2.92
C HIS B 348 31.82 -11.54 -1.61
N GLN B 349 31.95 -12.72 -1.02
CA GLN B 349 32.65 -12.87 0.24
C GLN B 349 34.14 -12.68 -0.03
N ALA B 350 34.77 -13.64 -0.70
CA ALA B 350 36.20 -13.56 -1.01
C ALA B 350 36.64 -12.16 -1.45
N ASP B 351 35.83 -11.49 -2.27
CA ASP B 351 36.15 -10.14 -2.73
C ASP B 351 36.48 -9.28 -1.52
N GLN B 352 35.67 -9.44 -0.47
CA GLN B 352 35.84 -8.72 0.77
C GLN B 352 37.08 -9.16 1.52
N LEU B 353 37.42 -10.44 1.36
CA LEU B 353 38.59 -11.00 2.00
C LEU B 353 39.79 -10.50 1.19
N ALA B 354 39.87 -9.17 1.13
CA ALA B 354 40.92 -8.44 0.43
C ALA B 354 40.52 -6.96 0.48
#